data_3CT6
#
_entry.id   3CT6
#
_cell.length_a   30.600
_cell.length_b   62.400
_cell.length_c   69.700
_cell.angle_alpha   90.00
_cell.angle_beta   99.60
_cell.angle_gamma   90.00
#
_symmetry.space_group_name_H-M   'P 1 21 1'
#
loop_
_entity.id
_entity.type
_entity.pdbx_description
1 polymer 'PTS-dependent dihydroxyacetone kinase, phosphotransferase subunit dhaM'
2 water water
#
_entity_poly.entity_id   1
_entity_poly.type   'polypeptide(L)'
_entity_poly.pdbx_seq_one_letter_code
;MTYGIVIVSHSPEIASGLKKLIREVAKNISLTAIGGLENGEIGTSFDRVMNAIEENEADNLLTFFDLGSARMNLDLVSEM
TDKELTIFNVPLIEGAYTASALLEAGATFEAIKEQLEKMLIEKRSHHHHHH
;
_entity_poly.pdbx_strand_id   A,B
#
# COMPACT_ATOMS: atom_id res chain seq x y z
N MET A 1 -6.19 20.70 20.00
CA MET A 1 -6.02 20.17 18.65
C MET A 1 -5.87 18.66 18.59
N THR A 2 -6.94 17.96 18.14
CA THR A 2 -6.45 16.57 18.17
C THR A 2 -6.29 16.10 16.72
N TYR A 3 -5.48 15.06 16.61
CA TYR A 3 -5.13 14.51 15.30
C TYR A 3 -5.58 13.06 15.20
N GLY A 4 -5.92 12.67 14.00
CA GLY A 4 -6.28 11.29 13.67
C GLY A 4 -5.71 10.93 12.28
N ILE A 5 -5.80 9.67 11.96
CA ILE A 5 -5.30 9.11 10.71
C ILE A 5 -6.46 8.58 9.91
N VAL A 6 -6.45 8.88 8.60
CA VAL A 6 -7.44 8.36 7.67
C VAL A 6 -6.72 7.67 6.51
N ILE A 7 -7.15 6.46 6.23
CA ILE A 7 -6.69 5.64 5.13
C ILE A 7 -7.74 5.52 4.06
N VAL A 8 -7.37 5.84 2.83
CA VAL A 8 -8.22 5.70 1.68
C VAL A 8 -7.57 4.80 0.67
N SER A 9 -8.25 3.75 0.24
CA SER A 9 -7.77 2.88 -0.80
C SER A 9 -8.83 2.64 -1.85
N HIS A 10 -8.39 2.21 -3.02
CA HIS A 10 -9.29 1.70 -4.02
C HIS A 10 -9.87 0.35 -3.67
N SER A 11 -9.34 -0.41 -2.79
CA SER A 11 -9.66 -1.70 -2.35
C SER A 11 -10.12 -1.72 -0.92
N PRO A 12 -11.31 -2.30 -0.67
CA PRO A 12 -11.77 -2.42 0.75
C PRO A 12 -10.85 -3.32 1.53
N GLU A 13 -10.28 -4.34 0.93
CA GLU A 13 -9.40 -5.26 1.66
C GLU A 13 -8.10 -4.58 2.02
N ILE A 14 -7.53 -3.76 1.14
CA ILE A 14 -6.32 -3.02 1.49
C ILE A 14 -6.63 -2.13 2.67
N ALA A 15 -7.72 -1.40 2.61
CA ALA A 15 -8.03 -0.47 3.71
C ALA A 15 -8.18 -1.20 5.00
N SER A 16 -8.93 -2.29 5.03
CA SER A 16 -9.12 -3.04 6.25
C SER A 16 -7.85 -3.68 6.76
N GLY A 17 -7.06 -4.25 5.86
CA GLY A 17 -5.85 -4.91 6.27
C GLY A 17 -4.80 -3.95 6.77
N LEU A 18 -4.72 -2.78 6.18
CA LEU A 18 -3.81 -1.77 6.67
C LEU A 18 -4.24 -1.28 8.03
N LYS A 19 -5.53 -1.07 8.24
CA LYS A 19 -5.99 -0.67 9.56
C LYS A 19 -5.60 -1.69 10.58
N LYS A 20 -5.80 -2.96 10.29
CA LYS A 20 -5.46 -4.03 11.21
C LYS A 20 -3.94 -4.06 11.47
N LEU A 21 -3.12 -3.90 10.47
CA LEU A 21 -1.68 -3.85 10.61
C LEU A 21 -1.28 -2.71 11.51
N ILE A 22 -1.86 -1.53 11.30
CA ILE A 22 -1.58 -0.36 12.15
C ILE A 22 -2.03 -0.59 13.58
N ARG A 23 -3.16 -1.23 13.77
CA ARG A 23 -3.63 -1.44 15.14
C ARG A 23 -2.66 -2.32 15.94
N GLU A 24 -1.77 -3.05 15.30
CA GLU A 24 -0.74 -3.76 16.09
C GLU A 24 0.30 -2.86 16.72
N VAL A 25 0.48 -1.66 16.23
CA VAL A 25 1.49 -0.72 16.79
C VAL A 25 0.78 0.48 17.40
N ALA A 26 -0.50 0.71 17.08
CA ALA A 26 -1.16 1.98 17.43
C ALA A 26 -2.60 1.71 17.82
N LYS A 27 -2.78 1.24 19.05
CA LYS A 27 -4.09 0.80 19.52
C LYS A 27 -5.00 1.96 19.88
N ASN A 28 -4.41 3.10 20.24
CA ASN A 28 -5.14 4.14 20.90
C ASN A 28 -5.51 5.27 19.95
N ILE A 29 -4.88 5.45 18.81
CA ILE A 29 -5.11 6.58 17.94
C ILE A 29 -6.51 6.52 17.33
N SER A 30 -6.96 7.69 16.94
CA SER A 30 -8.17 7.85 16.17
CA SER A 30 -8.18 7.84 16.17
C SER A 30 -7.85 7.50 14.72
N LEU A 31 -8.36 6.41 14.24
CA LEU A 31 -7.98 5.83 12.94
C LEU A 31 -9.20 5.33 12.22
N THR A 32 -9.39 5.78 10.96
CA THR A 32 -10.47 5.27 10.14
C THR A 32 -9.89 4.90 8.79
N ALA A 33 -10.60 4.01 8.10
CA ALA A 33 -10.10 3.45 6.85
C ALA A 33 -11.27 3.05 5.98
N ILE A 34 -11.16 3.32 4.69
CA ILE A 34 -12.21 2.91 3.79
C ILE A 34 -11.62 2.64 2.41
N GLY A 35 -12.20 1.72 1.69
CA GLY A 35 -11.83 1.47 0.30
C GLY A 35 -13.06 0.97 -0.47
N GLY A 36 -13.00 1.16 -1.79
CA GLY A 36 -14.04 0.66 -2.67
C GLY A 36 -15.23 1.63 -2.75
N LEU A 37 -16.04 1.36 -3.79
CA LEU A 37 -17.30 2.04 -3.97
C LEU A 37 -18.43 1.39 -3.19
N GLU A 38 -19.55 2.13 -3.04
CA GLU A 38 -20.67 1.60 -2.28
C GLU A 38 -21.13 0.28 -2.87
N ASN A 39 -21.06 0.19 -4.19
CA ASN A 39 -21.61 -0.97 -4.85
C ASN A 39 -20.64 -2.15 -4.89
N GLY A 40 -19.49 -2.01 -4.26
CA GLY A 40 -18.51 -3.05 -4.21
C GLY A 40 -17.44 -3.04 -5.22
N GLU A 41 -17.53 -2.17 -6.23
CA GLU A 41 -16.46 -2.05 -7.18
C GLU A 41 -15.21 -1.45 -6.52
N ILE A 42 -14.07 -1.82 -7.09
CA ILE A 42 -12.82 -1.19 -6.76
C ILE A 42 -12.86 0.27 -7.21
N GLY A 43 -12.42 1.18 -6.39
CA GLY A 43 -12.44 2.60 -6.64
C GLY A 43 -12.55 3.37 -5.33
N THR A 44 -12.74 4.68 -5.48
CA THR A 44 -13.05 5.50 -4.31
C THR A 44 -14.24 6.38 -4.65
N SER A 45 -15.01 6.73 -3.62
CA SER A 45 -16.12 7.65 -3.88
C SER A 45 -16.12 8.73 -2.82
N PHE A 46 -16.75 9.82 -3.23
CA PHE A 46 -16.88 10.96 -2.35
C PHE A 46 -17.60 10.54 -1.07
N ASP A 47 -18.73 9.83 -1.20
CA ASP A 47 -19.51 9.56 0.01
C ASP A 47 -18.77 8.67 0.99
N ARG A 48 -18.10 7.65 0.49
CA ARG A 48 -17.42 6.74 1.41
C ARG A 48 -16.23 7.36 2.06
N VAL A 49 -15.47 8.17 1.27
CA VAL A 49 -14.36 8.93 1.87
C VAL A 49 -14.89 9.91 2.91
N MET A 50 -16.00 10.62 2.55
CA MET A 50 -16.59 11.51 3.53
CA MET A 50 -16.56 11.53 3.55
C MET A 50 -16.98 10.79 4.83
N ASN A 51 -17.55 9.60 4.74
CA ASN A 51 -17.89 8.81 5.92
C ASN A 51 -16.67 8.51 6.78
N ALA A 52 -15.55 8.12 6.14
CA ALA A 52 -14.34 7.87 6.93
C ALA A 52 -13.82 9.11 7.66
N ILE A 53 -13.93 10.26 7.06
CA ILE A 53 -13.60 11.53 7.62
C ILE A 53 -14.52 11.89 8.79
N GLU A 54 -15.83 11.78 8.57
CA GLU A 54 -16.79 12.16 9.60
C GLU A 54 -16.77 11.22 10.76
N GLU A 55 -16.48 9.94 10.50
CA GLU A 55 -16.46 8.98 11.60
C GLU A 55 -15.23 9.04 12.51
N ASN A 56 -14.18 9.60 11.98
CA ASN A 56 -12.97 9.78 12.78
C ASN A 56 -13.24 10.74 13.91
N GLU A 57 -12.87 10.37 15.13
CA GLU A 57 -13.12 11.25 16.27
C GLU A 57 -12.37 12.57 16.18
N ALA A 58 -11.25 12.66 15.51
CA ALA A 58 -10.37 13.81 15.50
C ALA A 58 -10.82 14.85 14.48
N ASP A 59 -10.41 16.08 14.72
CA ASP A 59 -10.77 17.16 13.79
C ASP A 59 -9.64 17.53 12.83
N ASN A 60 -8.44 17.07 13.03
CA ASN A 60 -7.28 17.32 12.20
C ASN A 60 -6.81 15.96 11.70
N LEU A 61 -6.97 15.71 10.42
CA LEU A 61 -6.80 14.36 9.89
C LEU A 61 -5.66 14.26 8.91
N LEU A 62 -4.69 13.46 9.30
CA LEU A 62 -3.59 13.13 8.41
CA LEU A 62 -3.56 13.03 8.51
C LEU A 62 -4.09 11.99 7.53
N THR A 63 -4.12 12.29 6.24
CA THR A 63 -4.86 11.48 5.26
C THR A 63 -3.91 10.91 4.22
N PHE A 64 -4.07 9.60 4.00
CA PHE A 64 -3.19 8.82 3.17
C PHE A 64 -3.99 8.06 2.16
N PHE A 65 -3.44 7.83 0.97
CA PHE A 65 -4.15 7.22 -0.11
C PHE A 65 -3.18 6.40 -0.98
N ASP A 66 -3.74 5.49 -1.76
CA ASP A 66 -2.91 4.59 -2.59
C ASP A 66 -2.56 5.17 -3.94
N LEU A 67 -3.46 5.19 -4.87
CA LEU A 67 -3.16 5.59 -6.24
C LEU A 67 -3.61 6.99 -6.51
N GLY A 68 -2.94 7.63 -7.45
CA GLY A 68 -3.25 9.03 -7.85
C GLY A 68 -4.70 9.25 -8.19
N SER A 69 -5.40 8.28 -8.70
CA SER A 69 -6.83 8.40 -9.03
C SER A 69 -7.68 8.64 -7.80
N ALA A 70 -7.19 8.51 -6.57
CA ALA A 70 -7.95 8.86 -5.37
C ALA A 70 -7.83 10.32 -5.01
N ARG A 71 -6.85 11.03 -5.52
CA ARG A 71 -6.55 12.34 -4.99
C ARG A 71 -7.67 13.32 -5.23
N MET A 72 -8.31 13.32 -6.37
CA MET A 72 -9.37 14.29 -6.66
C MET A 72 -10.45 14.19 -5.62
N ASN A 73 -10.91 13.00 -5.31
CA ASN A 73 -11.97 12.85 -4.31
CA ASN A 73 -12.01 12.93 -4.34
C ASN A 73 -11.57 13.36 -2.95
N LEU A 74 -10.29 13.14 -2.60
CA LEU A 74 -9.88 13.67 -1.31
C LEU A 74 -9.90 15.18 -1.23
N ASP A 75 -9.50 15.80 -2.31
CA ASP A 75 -9.54 17.25 -2.40
C ASP A 75 -10.98 17.77 -2.35
N LEU A 76 -11.90 17.07 -2.99
CA LEU A 76 -13.30 17.47 -2.92
C LEU A 76 -13.89 17.32 -1.54
N VAL A 77 -13.60 16.20 -0.87
CA VAL A 77 -14.08 16.01 0.47
C VAL A 77 -13.52 17.08 1.37
N SER A 78 -12.28 17.49 1.18
CA SER A 78 -11.66 18.50 2.03
CA SER A 78 -11.66 18.50 2.04
C SER A 78 -12.44 19.80 1.98
N GLU A 79 -13.00 20.13 0.82
CA GLU A 79 -13.80 21.33 0.67
C GLU A 79 -15.10 21.32 1.42
N MET A 80 -15.59 20.13 1.74
CA MET A 80 -16.93 19.86 2.21
CA MET A 80 -16.93 19.91 2.24
CA MET A 80 -16.94 20.05 2.29
C MET A 80 -17.01 19.44 3.68
N THR A 81 -15.97 19.75 4.44
CA THR A 81 -15.95 19.41 5.86
C THR A 81 -15.32 20.57 6.63
N ASP A 82 -15.71 20.68 7.92
CA ASP A 82 -15.03 21.59 8.80
C ASP A 82 -13.75 20.99 9.34
N LYS A 83 -13.57 19.68 9.21
CA LYS A 83 -12.30 19.09 9.62
CA LYS A 83 -12.30 19.09 9.65
C LYS A 83 -11.18 19.56 8.73
N GLU A 84 -9.96 19.50 9.29
CA GLU A 84 -8.82 19.98 8.57
C GLU A 84 -8.02 18.78 8.09
N LEU A 85 -8.04 18.50 6.82
CA LEU A 85 -7.33 17.37 6.24
C LEU A 85 -5.94 17.84 5.85
N THR A 86 -4.94 17.02 6.18
CA THR A 86 -3.61 17.16 5.63
C THR A 86 -3.36 15.93 4.76
N ILE A 87 -3.36 16.06 3.49
CA ILE A 87 -3.25 14.97 2.54
C ILE A 87 -1.79 14.81 2.18
N PHE A 88 -1.26 13.62 2.35
CA PHE A 88 0.17 13.36 2.14
C PHE A 88 0.40 12.63 0.84
N ASN A 89 1.33 13.12 0.06
CA ASN A 89 1.80 12.45 -1.14
C ASN A 89 2.93 11.51 -0.80
N VAL A 90 2.55 10.44 -0.13
CA VAL A 90 3.48 9.44 0.39
C VAL A 90 2.90 8.08 0.13
N PRO A 91 3.66 7.02 0.19
CA PRO A 91 3.09 5.69 0.03
C PRO A 91 2.03 5.43 1.09
N LEU A 92 0.96 4.76 0.70
CA LEU A 92 -0.11 4.51 1.65
C LEU A 92 0.34 3.68 2.85
N ILE A 93 0.91 2.49 2.60
CA ILE A 93 1.19 1.63 3.77
C ILE A 93 2.28 2.21 4.62
N GLU A 94 3.41 2.50 4.01
CA GLU A 94 4.57 2.88 4.78
C GLU A 94 4.32 4.27 5.38
N GLY A 95 3.65 5.19 4.68
CA GLY A 95 3.31 6.47 5.21
C GLY A 95 2.35 6.46 6.36
N ALA A 96 1.24 5.77 6.19
CA ALA A 96 0.21 5.70 7.23
C ALA A 96 0.77 4.96 8.45
N TYR A 97 1.53 3.88 8.22
CA TYR A 97 2.08 3.13 9.34
C TYR A 97 3.02 3.98 10.13
N THR A 98 3.95 4.65 9.46
CA THR A 98 4.93 5.50 10.13
C THR A 98 4.22 6.59 10.91
N ALA A 99 3.30 7.32 10.26
CA ALA A 99 2.60 8.39 10.94
C ALA A 99 1.79 7.89 12.11
N SER A 100 1.14 6.75 12.00
CA SER A 100 0.31 6.19 13.07
C SER A 100 1.17 5.84 14.29
N ALA A 101 2.32 5.22 14.08
CA ALA A 101 3.20 4.85 15.18
C ALA A 101 3.69 6.10 15.90
N LEU A 102 4.05 7.12 15.14
CA LEU A 102 4.49 8.36 15.74
C LEU A 102 3.39 9.03 16.53
N LEU A 103 2.20 9.07 15.95
CA LEU A 103 1.07 9.67 16.63
C LEU A 103 0.75 8.96 17.93
N GLU A 104 0.76 7.62 17.87
CA GLU A 104 0.54 6.80 19.05
C GLU A 104 1.52 7.12 20.17
N ALA A 105 2.77 7.36 19.83
CA ALA A 105 3.83 7.71 20.74
C ALA A 105 3.74 9.13 21.25
N GLY A 106 2.85 9.94 20.74
CA GLY A 106 2.72 11.31 21.17
C GLY A 106 3.57 12.32 20.43
N ALA A 107 4.06 11.95 19.22
CA ALA A 107 4.81 12.91 18.42
C ALA A 107 3.96 14.08 18.03
N THR A 108 4.58 15.24 17.91
CA THR A 108 3.85 16.40 17.44
C THR A 108 3.60 16.26 15.94
N PHE A 109 2.68 17.13 15.49
CA PHE A 109 2.37 17.19 14.07
C PHE A 109 3.61 17.51 13.24
N GLU A 110 4.38 18.49 13.71
CA GLU A 110 5.60 18.82 12.98
C GLU A 110 6.58 17.68 12.90
N ALA A 111 6.76 16.92 13.93
CA ALA A 111 7.62 15.76 14.05
C ALA A 111 7.12 14.67 13.08
N ILE A 112 5.83 14.51 12.98
CA ILE A 112 5.29 13.53 11.99
C ILE A 112 5.61 13.99 10.58
N LYS A 113 5.38 15.26 10.29
CA LYS A 113 5.73 15.74 8.98
C LYS A 113 7.21 15.60 8.69
N GLU A 114 8.06 15.82 9.67
CA GLU A 114 9.51 15.70 9.53
C GLU A 114 9.82 14.30 9.04
N GLN A 115 9.21 13.29 9.63
CA GLN A 115 9.56 11.91 9.30
C GLN A 115 8.93 11.47 7.99
N LEU A 116 7.85 12.13 7.56
CA LEU A 116 7.24 11.76 6.31
C LEU A 116 7.86 12.49 5.14
N GLU A 117 8.71 13.49 5.39
CA GLU A 117 9.24 14.32 4.33
C GLU A 117 10.03 13.42 3.39
N LYS A 118 10.81 12.44 3.90
CA LYS A 118 11.60 11.61 3.02
C LYS A 118 10.80 10.64 2.20
N MET A 119 9.51 10.51 2.45
CA MET A 119 8.58 9.62 1.78
CA MET A 119 8.73 9.58 1.63
C MET A 119 7.80 10.29 0.66
N LEU A 120 8.05 11.56 0.48
CA LEU A 120 7.33 12.28 -0.55
C LEU A 120 7.56 11.63 -1.89
N ILE A 121 6.49 11.29 -2.60
CA ILE A 121 6.55 10.61 -3.89
C ILE A 121 5.50 11.21 -4.81
N GLU A 122 5.74 11.16 -6.13
CA GLU A 122 4.71 11.47 -7.08
CA GLU A 122 4.77 11.39 -7.17
C GLU A 122 3.71 10.30 -7.08
N LYS A 123 2.46 10.61 -7.16
CA LYS A 123 1.34 9.66 -7.05
C LYS A 123 0.61 9.70 -8.39
N ARG A 124 1.19 9.06 -9.42
CA ARG A 124 0.82 9.29 -10.78
C ARG A 124 -0.03 8.17 -11.35
N SER A 125 -0.21 7.06 -10.66
CA SER A 125 -1.00 5.95 -11.17
C SER A 125 -2.48 6.28 -11.12
N HIS A 126 -3.20 5.90 -12.17
CA HIS A 126 -4.64 6.12 -12.24
C HIS A 126 -5.30 4.83 -12.59
N HIS A 127 -6.16 4.31 -11.74
CA HIS A 127 -6.81 3.04 -11.93
CA HIS A 127 -6.85 3.04 -11.88
C HIS A 127 -7.82 3.10 -13.06
N HIS A 128 -7.94 1.94 -13.73
CA HIS A 128 -8.94 1.74 -14.77
C HIS A 128 -9.61 0.41 -14.54
N HIS A 129 -10.78 0.27 -15.10
CA HIS A 129 -11.39 -1.07 -15.11
C HIS A 129 -12.51 -1.06 -16.17
N HIS A 130 -12.73 -2.20 -16.79
CA HIS A 130 -13.75 -2.49 -17.78
C HIS A 130 -14.24 -3.95 -17.53
N MET B 1 13.07 -14.65 -21.74
CA MET B 1 13.12 -14.91 -20.31
C MET B 1 11.74 -14.66 -19.70
N THR B 2 11.19 -15.43 -18.78
CA THR B 2 9.86 -15.05 -18.28
C THR B 2 9.93 -14.24 -16.99
N TYR B 3 9.07 -13.22 -16.87
CA TYR B 3 9.01 -12.38 -15.68
C TYR B 3 7.65 -12.50 -15.03
N GLY B 4 7.65 -12.37 -13.72
CA GLY B 4 6.44 -12.36 -12.93
C GLY B 4 6.60 -11.38 -11.77
N ILE B 5 5.48 -11.14 -11.10
CA ILE B 5 5.38 -10.23 -9.97
C ILE B 5 4.97 -11.02 -8.73
N VAL B 6 5.66 -10.78 -7.62
CA VAL B 6 5.34 -11.36 -6.33
C VAL B 6 5.13 -10.26 -5.30
N ILE B 7 4.02 -10.34 -4.59
CA ILE B 7 3.68 -9.43 -3.53
C ILE B 7 3.72 -10.15 -2.20
N VAL B 8 4.41 -9.57 -1.23
CA VAL B 8 4.49 -10.06 0.13
C VAL B 8 4.05 -8.96 1.07
N SER B 9 3.07 -9.31 1.91
CA SER B 9 2.59 -8.37 2.93
C SER B 9 2.53 -9.05 4.28
N HIS B 10 2.52 -8.21 5.31
CA HIS B 10 2.23 -8.65 6.66
C HIS B 10 0.75 -8.99 6.87
N SER B 11 -0.17 -8.60 6.05
CA SER B 11 -1.58 -8.70 6.09
C SER B 11 -2.11 -9.50 4.93
N PRO B 12 -2.91 -10.53 5.21
CA PRO B 12 -3.53 -11.28 4.12
C PRO B 12 -4.49 -10.38 3.33
N GLU B 13 -5.18 -9.49 3.98
CA GLU B 13 -6.13 -8.61 3.29
C GLU B 13 -5.43 -7.63 2.38
N ILE B 14 -4.29 -7.06 2.75
CA ILE B 14 -3.54 -6.21 1.88
C ILE B 14 -3.11 -6.98 0.67
N ALA B 15 -2.55 -8.17 0.86
CA ALA B 15 -2.09 -8.94 -0.29
C ALA B 15 -3.25 -9.25 -1.25
N SER B 16 -4.38 -9.68 -0.71
CA SER B 16 -5.53 -10.06 -1.48
C SER B 16 -6.08 -8.87 -2.28
N GLY B 17 -6.23 -7.74 -1.55
CA GLY B 17 -6.77 -6.58 -2.21
C GLY B 17 -5.86 -5.99 -3.26
N LEU B 18 -4.55 -6.00 -2.99
CA LEU B 18 -3.60 -5.50 -3.97
C LEU B 18 -3.60 -6.39 -5.20
N LYS B 19 -3.66 -7.72 -5.01
CA LYS B 19 -3.71 -8.59 -6.18
C LYS B 19 -4.92 -8.24 -7.04
N LYS B 20 -6.07 -8.02 -6.43
CA LYS B 20 -7.26 -7.71 -7.20
C LYS B 20 -7.14 -6.36 -7.90
N LEU B 21 -6.58 -5.38 -7.21
CA LEU B 21 -6.39 -4.07 -7.76
C LEU B 21 -5.53 -4.14 -9.01
N ILE B 22 -4.42 -4.88 -8.91
CA ILE B 22 -3.54 -5.10 -10.06
C ILE B 22 -4.23 -5.83 -11.19
N ARG B 23 -4.97 -6.89 -10.85
CA ARG B 23 -5.64 -7.65 -11.91
C ARG B 23 -6.61 -6.82 -12.73
N GLU B 24 -7.15 -5.77 -12.19
CA GLU B 24 -8.08 -4.94 -12.97
C GLU B 24 -7.39 -4.25 -14.13
N VAL B 25 -6.08 -4.09 -14.11
CA VAL B 25 -5.39 -3.54 -15.27
C VAL B 25 -4.34 -4.48 -15.85
N ALA B 26 -4.12 -5.66 -15.22
CA ALA B 26 -3.08 -6.57 -15.65
C ALA B 26 -3.55 -7.99 -15.57
N LYS B 27 -4.36 -8.41 -16.54
CA LYS B 27 -4.95 -9.73 -16.47
CA LYS B 27 -4.95 -9.73 -16.44
CA LYS B 27 -4.95 -9.72 -16.47
C LYS B 27 -3.99 -10.83 -16.91
N ASN B 28 -2.98 -10.53 -17.67
CA ASN B 28 -2.17 -11.55 -18.29
C ASN B 28 -0.90 -11.90 -17.56
N ILE B 29 -0.41 -11.02 -16.69
CA ILE B 29 0.88 -11.25 -16.07
C ILE B 29 0.81 -12.42 -15.09
N SER B 30 1.99 -12.99 -14.85
CA SER B 30 2.19 -14.00 -13.82
CA SER B 30 2.18 -14.00 -13.82
C SER B 30 2.34 -13.32 -12.47
N LEU B 31 1.36 -13.46 -11.61
CA LEU B 31 1.26 -12.69 -10.36
C LEU B 31 0.88 -13.58 -9.24
N THR B 32 1.67 -13.52 -8.17
CA THR B 32 1.34 -14.22 -6.92
C THR B 32 1.46 -13.25 -5.76
N ALA B 33 0.73 -13.53 -4.71
CA ALA B 33 0.59 -12.67 -3.57
C ALA B 33 0.43 -13.54 -2.32
N ILE B 34 1.00 -13.08 -1.23
CA ILE B 34 0.81 -13.75 0.05
C ILE B 34 0.89 -12.71 1.14
N GLY B 35 0.07 -12.83 2.17
CA GLY B 35 0.13 -11.97 3.29
C GLY B 35 -0.18 -12.74 4.59
N GLY B 36 0.46 -12.28 5.66
CA GLY B 36 0.18 -12.84 6.97
C GLY B 36 0.76 -14.24 7.14
N LEU B 37 0.45 -14.78 8.32
CA LEU B 37 0.90 -16.07 8.75
C LEU B 37 -0.14 -17.12 8.39
N GLU B 38 0.22 -18.38 8.57
CA GLU B 38 -0.69 -19.44 8.18
C GLU B 38 -2.02 -19.36 8.93
N ASN B 39 -2.05 -18.85 10.17
CA ASN B 39 -3.31 -18.73 10.90
C ASN B 39 -4.06 -17.42 10.66
N GLY B 40 -3.65 -16.68 9.64
CA GLY B 40 -4.27 -15.43 9.29
C GLY B 40 -3.81 -14.23 10.10
N GLU B 41 -2.93 -14.45 11.05
CA GLU B 41 -2.41 -13.36 11.85
C GLU B 41 -1.39 -12.54 11.08
N ILE B 42 -1.14 -11.33 11.57
CA ILE B 42 -0.21 -10.40 10.94
C ILE B 42 1.19 -10.96 11.03
N GLY B 43 1.94 -10.95 9.95
CA GLY B 43 3.35 -11.36 9.93
C GLY B 43 3.70 -11.90 8.56
N THR B 44 4.96 -12.40 8.51
CA THR B 44 5.40 -13.11 7.33
C THR B 44 6.13 -14.35 7.80
N SER B 45 6.24 -15.37 6.95
CA SER B 45 7.04 -16.55 7.24
C SER B 45 7.86 -16.98 6.01
N PHE B 46 8.98 -17.64 6.28
CA PHE B 46 9.77 -18.21 5.22
C PHE B 46 8.90 -19.09 4.36
N ASP B 47 8.18 -20.05 4.91
CA ASP B 47 7.46 -21.04 4.12
C ASP B 47 6.41 -20.36 3.24
N ARG B 48 5.73 -19.34 3.77
CA ARG B 48 4.68 -18.74 2.94
C ARG B 48 5.29 -17.85 1.87
N VAL B 49 6.38 -17.15 2.10
CA VAL B 49 7.06 -16.43 1.03
C VAL B 49 7.57 -17.41 -0.01
N MET B 50 8.19 -18.50 0.46
CA MET B 50 8.67 -19.51 -0.46
C MET B 50 7.56 -20.02 -1.36
N ASN B 51 6.37 -20.23 -0.81
CA ASN B 51 5.31 -20.79 -1.62
C ASN B 51 4.84 -19.80 -2.66
N ALA B 52 4.81 -18.52 -2.29
CA ALA B 52 4.39 -17.52 -3.31
C ALA B 52 5.40 -17.46 -4.46
N ILE B 53 6.69 -17.65 -4.15
CA ILE B 53 7.75 -17.66 -5.16
C ILE B 53 7.59 -18.89 -6.02
N GLU B 54 7.45 -20.03 -5.39
CA GLU B 54 7.42 -21.26 -6.18
C GLU B 54 6.13 -21.42 -6.99
N GLU B 55 5.06 -20.84 -6.51
CA GLU B 55 3.75 -20.82 -7.13
CA GLU B 55 3.73 -20.74 -7.09
C GLU B 55 3.74 -20.01 -8.42
N ASN B 56 4.62 -19.00 -8.47
CA ASN B 56 4.61 -18.16 -9.66
C ASN B 56 5.21 -18.92 -10.83
N GLU B 57 4.51 -18.89 -11.95
CA GLU B 57 4.97 -19.64 -13.11
C GLU B 57 6.26 -19.10 -13.70
N ALA B 58 6.60 -17.86 -13.45
CA ALA B 58 7.75 -17.26 -14.09
C ALA B 58 9.03 -17.57 -13.33
N ASP B 59 10.20 -17.48 -13.92
CA ASP B 59 11.46 -17.75 -13.30
C ASP B 59 12.23 -16.49 -12.89
N ASN B 60 11.82 -15.32 -13.35
CA ASN B 60 12.46 -14.06 -12.98
C ASN B 60 11.40 -13.23 -12.30
N LEU B 61 11.50 -13.06 -11.01
CA LEU B 61 10.42 -12.52 -10.21
C LEU B 61 10.77 -11.17 -9.57
N LEU B 62 9.98 -10.20 -9.96
CA LEU B 62 10.08 -8.85 -9.40
C LEU B 62 9.25 -8.90 -8.11
N THR B 63 9.89 -8.67 -6.98
CA THR B 63 9.31 -8.96 -5.70
C THR B 63 9.21 -7.69 -4.85
N PHE B 64 8.04 -7.55 -4.22
CA PHE B 64 7.67 -6.35 -3.52
C PHE B 64 7.15 -6.72 -2.16
N PHE B 65 7.34 -5.79 -1.21
CA PHE B 65 6.97 -6.07 0.16
C PHE B 65 6.59 -4.75 0.83
N ASP B 66 5.91 -4.90 1.99
CA ASP B 66 5.44 -3.70 2.71
C ASP B 66 6.47 -3.25 3.72
N LEU B 67 6.56 -3.82 4.87
CA LEU B 67 7.38 -3.25 5.92
C LEU B 67 8.73 -3.89 5.90
N GLY B 68 9.72 -3.14 6.38
CA GLY B 68 11.09 -3.60 6.49
C GLY B 68 11.29 -4.92 7.15
N SER B 69 10.43 -5.29 8.07
CA SER B 69 10.50 -6.56 8.79
C SER B 69 10.27 -7.74 7.86
N ALA B 70 9.75 -7.54 6.64
CA ALA B 70 9.56 -8.63 5.70
C ALA B 70 10.85 -8.90 4.92
N ARG B 71 11.82 -7.99 4.90
CA ARG B 71 12.94 -8.17 4.01
C ARG B 71 13.73 -9.41 4.35
N MET B 72 13.88 -9.74 5.65
CA MET B 72 14.62 -10.93 6.05
C MET B 72 14.13 -12.18 5.37
N ASN B 73 12.82 -12.43 5.46
CA ASN B 73 12.35 -13.66 4.80
C ASN B 73 12.52 -13.67 3.30
N LEU B 74 12.40 -12.51 2.67
CA LEU B 74 12.67 -12.54 1.24
C LEU B 74 14.12 -12.86 0.92
N ASP B 75 14.99 -12.34 1.77
CA ASP B 75 16.40 -12.61 1.53
C ASP B 75 16.71 -14.07 1.82
N LEU B 76 16.08 -14.67 2.80
CA LEU B 76 16.30 -16.08 3.09
C LEU B 76 15.79 -16.92 1.93
N VAL B 77 14.63 -16.61 1.39
CA VAL B 77 14.14 -17.38 0.26
C VAL B 77 15.04 -17.18 -0.94
N SER B 78 15.52 -15.96 -1.20
CA SER B 78 16.42 -15.68 -2.28
C SER B 78 17.66 -16.60 -2.25
N GLU B 79 18.18 -16.90 -1.06
CA GLU B 79 19.34 -17.76 -0.94
C GLU B 79 19.04 -19.20 -1.38
N MET B 80 17.78 -19.60 -1.36
CA MET B 80 17.45 -21.00 -1.58
CA MET B 80 17.29 -20.95 -1.46
C MET B 80 16.57 -21.31 -2.75
N THR B 81 16.41 -20.43 -3.67
CA THR B 81 15.56 -20.76 -4.82
C THR B 81 16.42 -20.74 -6.07
N ASP B 82 16.00 -21.47 -7.09
CA ASP B 82 16.62 -21.36 -8.39
C ASP B 82 16.06 -20.21 -9.21
N LYS B 83 14.96 -19.64 -8.67
CA LYS B 83 14.41 -18.50 -9.39
C LYS B 83 15.31 -17.33 -9.19
N GLU B 84 15.16 -16.37 -10.10
CA GLU B 84 15.93 -15.18 -9.97
C GLU B 84 15.01 -14.12 -9.42
N LEU B 85 15.17 -13.79 -8.14
CA LEU B 85 14.41 -12.73 -7.50
C LEU B 85 15.13 -11.41 -7.67
N THR B 86 14.35 -10.39 -7.97
CA THR B 86 14.79 -9.02 -7.85
C THR B 86 13.87 -8.38 -6.80
N ILE B 87 14.40 -8.07 -5.64
CA ILE B 87 13.65 -7.51 -4.54
C ILE B 87 13.81 -6.00 -4.64
N PHE B 88 12.68 -5.30 -4.69
CA PHE B 88 12.74 -3.86 -4.79
C PHE B 88 12.35 -3.17 -3.50
N ASN B 89 13.22 -2.26 -3.06
CA ASN B 89 12.94 -1.46 -1.86
C ASN B 89 12.12 -0.23 -2.26
N VAL B 90 10.88 -0.51 -2.62
CA VAL B 90 9.90 0.50 -3.08
C VAL B 90 8.62 0.30 -2.30
N PRO B 91 7.74 1.30 -2.29
CA PRO B 91 6.44 1.10 -1.65
C PRO B 91 5.73 -0.08 -2.25
N LEU B 92 5.05 -0.85 -1.43
CA LEU B 92 4.41 -2.06 -1.91
C LEU B 92 3.35 -1.76 -2.94
N ILE B 93 2.35 -0.94 -2.59
CA ILE B 93 1.22 -0.78 -3.52
C ILE B 93 1.64 -0.07 -4.77
N GLU B 94 2.24 1.11 -4.60
CA GLU B 94 2.57 1.94 -5.73
C GLU B 94 3.64 1.26 -6.58
N GLY B 95 4.62 0.57 -5.96
CA GLY B 95 5.65 -0.10 -6.71
C GLY B 95 5.19 -1.33 -7.44
N ALA B 96 4.46 -2.23 -6.76
CA ALA B 96 3.94 -3.42 -7.42
C ALA B 96 2.96 -3.06 -8.47
N TYR B 97 2.10 -2.09 -8.25
CA TYR B 97 1.10 -1.68 -9.24
C TYR B 97 1.79 -1.13 -10.49
N THR B 98 2.77 -0.23 -10.28
CA THR B 98 3.46 0.36 -11.43
C THR B 98 4.17 -0.71 -12.21
N ALA B 99 4.89 -1.59 -11.53
CA ALA B 99 5.63 -2.65 -12.20
C ALA B 99 4.70 -3.58 -12.97
N SER B 100 3.59 -3.93 -12.36
CA SER B 100 2.63 -4.84 -12.96
C SER B 100 2.03 -4.23 -14.23
N ALA B 101 1.66 -2.96 -14.16
CA ALA B 101 1.06 -2.33 -15.32
C ALA B 101 2.05 -2.26 -16.45
N LEU B 102 3.31 -1.92 -16.16
CA LEU B 102 4.36 -1.86 -17.18
C LEU B 102 4.61 -3.22 -17.77
N LEU B 103 4.70 -4.23 -16.91
CA LEU B 103 4.95 -5.59 -17.40
C LEU B 103 3.80 -6.03 -18.32
N GLU B 104 2.57 -5.79 -17.90
CA GLU B 104 1.41 -6.11 -18.72
C GLU B 104 1.48 -5.42 -20.08
N ALA B 105 1.92 -4.20 -20.13
CA ALA B 105 1.98 -3.40 -21.35
C ALA B 105 3.10 -3.87 -22.25
N GLY B 106 3.98 -4.75 -21.83
CA GLY B 106 5.12 -5.23 -22.56
C GLY B 106 6.42 -4.53 -22.34
N ALA B 107 6.54 -3.71 -21.31
CA ALA B 107 7.79 -3.00 -21.06
C ALA B 107 8.88 -4.01 -20.81
N THR B 108 10.12 -3.64 -21.18
CA THR B 108 11.25 -4.51 -20.83
C THR B 108 11.58 -4.41 -19.36
N PHE B 109 12.36 -5.38 -18.96
CA PHE B 109 12.82 -5.38 -17.54
C PHE B 109 13.62 -4.15 -17.22
N GLU B 110 14.51 -3.75 -18.10
CA GLU B 110 15.30 -2.54 -17.90
C GLU B 110 14.42 -1.33 -17.78
N ALA B 111 13.37 -1.19 -18.53
CA ALA B 111 12.41 -0.08 -18.51
C ALA B 111 11.67 -0.08 -17.17
N ILE B 112 11.29 -1.25 -16.71
CA ILE B 112 10.59 -1.38 -15.41
C ILE B 112 11.53 -0.97 -14.28
N LYS B 113 12.75 -1.47 -14.35
CA LYS B 113 13.77 -1.12 -13.29
C LYS B 113 13.99 0.38 -13.26
N GLU B 114 14.05 1.02 -14.41
CA GLU B 114 14.29 2.44 -14.49
C GLU B 114 13.20 3.21 -13.80
N GLN B 115 11.95 2.74 -13.99
CA GLN B 115 10.86 3.42 -13.31
C GLN B 115 10.87 3.11 -11.82
N LEU B 116 11.15 1.89 -11.45
CA LEU B 116 11.15 1.56 -10.02
C LEU B 116 12.27 2.21 -9.25
N GLU B 117 13.39 2.47 -9.93
CA GLU B 117 14.53 3.17 -9.32
CA GLU B 117 14.50 3.13 -9.20
C GLU B 117 14.12 4.53 -8.79
N LYS B 118 13.17 5.15 -9.47
CA LYS B 118 12.68 6.47 -9.10
C LYS B 118 11.88 6.44 -7.80
N MET B 119 11.51 5.23 -7.35
CA MET B 119 10.62 5.03 -6.22
C MET B 119 11.32 4.41 -5.03
N LEU B 120 12.63 4.23 -5.06
CA LEU B 120 13.34 3.57 -3.98
C LEU B 120 13.15 4.44 -2.76
N ILE B 121 12.83 3.76 -1.67
CA ILE B 121 12.68 4.41 -0.38
C ILE B 121 13.39 3.57 0.65
N GLU B 122 13.67 4.16 1.79
CA GLU B 122 14.18 3.43 2.95
C GLU B 122 13.09 2.59 3.62
N LYS B 123 13.31 1.28 3.73
CA LYS B 123 12.28 0.36 4.25
C LYS B 123 12.69 -0.10 5.66
N ARG B 124 12.59 0.81 6.60
CA ARG B 124 12.95 0.87 8.00
C ARG B 124 11.92 0.40 9.00
N SER B 125 10.66 0.47 8.58
CA SER B 125 9.57 0.09 9.46
C SER B 125 9.60 -1.43 9.72
N HIS B 126 9.22 -1.70 10.98
CA HIS B 126 9.15 -3.03 11.46
C HIS B 126 7.82 -3.17 12.22
N HIS B 127 7.33 -4.41 12.08
CA HIS B 127 6.26 -5.01 12.82
C HIS B 127 6.92 -5.81 13.95
N HIS B 128 6.31 -5.73 15.12
CA HIS B 128 6.63 -6.41 16.35
C HIS B 128 5.60 -7.49 16.65
#